data_4IXF
#
_entry.id   4IXF
#
_cell.length_a   37.365
_cell.length_b   42.749
_cell.length_c   60.918
_cell.angle_alpha   90.00
_cell.angle_beta   95.46
_cell.angle_gamma   90.00
#
_symmetry.space_group_name_H-M   'P 1 21 1'
#
loop_
_entity.id
_entity.type
_entity.pdbx_description
1 polymer 'Dihydrofolate reductase'
2 non-polymer 'NADPH DIHYDRO-NICOTINAMIDE-ADENINE-DINUCLEOTIDE PHOSPHATE'
3 non-polymer N~6~-methyl-N~6~-[4-(propan-2-yl)phenyl]pyrido[2,3-d]pyrimidine-2,4,6-triamine
4 water water
#
_entity_poly.entity_id   1
_entity_poly.type   'polypeptide(L)'
_entity_poly.pdbx_seq_one_letter_code
;MNQQKSLTLIVALTTSYGIGRSNSLPWKLKKEISYFKRVTSFVPTFDSFESMNVVLMGRKTWESIPLQNRPLKGRINVVI
TRNESLDLGNGIHSAKSLDHALELLYRTYGSESSVQINRIFVIGGAQLYKAAMDHPKLDRIMATIIYKDIHCDVFFPLKF
RDKEWSSVWKKEKHSDLESWVGTKVPHGKINEDGFDYEFEMWTRDL
;
_entity_poly.pdbx_strand_id   X
#
loop_
_chem_comp.id
_chem_comp.type
_chem_comp.name
_chem_comp.formula
IXF non-polymer N~6~-methyl-N~6~-[4-(propan-2-yl)phenyl]pyrido[2,3-d]pyrimidine-2,4,6-triamine 'C17 H20 N6'
NDP non-polymer 'NADPH DIHYDRO-NICOTINAMIDE-ADENINE-DINUCLEOTIDE PHOSPHATE' 'C21 H30 N7 O17 P3'
#
# COMPACT_ATOMS: atom_id res chain seq x y z
N MET A 1 9.42 9.95 19.39
CA MET A 1 8.20 10.44 18.66
C MET A 1 8.31 10.14 17.15
N ASN A 2 8.85 8.95 16.83
CA ASN A 2 9.02 8.50 15.43
C ASN A 2 8.51 7.08 15.12
N GLN A 3 8.76 6.12 16.03
CA GLN A 3 8.33 4.73 15.81
C GLN A 3 7.08 4.35 16.63
N GLN A 4 6.03 5.16 16.49
CA GLN A 4 4.77 4.92 17.20
C GLN A 4 3.61 4.48 16.27
N LYS A 5 3.99 4.46 14.80
CA LYS A 5 2.91 3.79 14.08
C LYS A 5 3.50 2.59 13.34
N SER A 6 2.75 1.50 13.23
CA SER A 6 3.26 0.44 12.37
C SER A 6 2.91 0.79 10.92
N LEU A 7 3.61 0.16 9.98
CA LEU A 7 3.31 0.39 8.55
C LEU A 7 2.48 -0.77 8.02
N THR A 8 1.56 -0.49 7.07
CA THR A 8 0.81 -1.55 6.37
C THR A 8 1.24 -1.48 4.85
N LEU A 9 1.51 -2.65 4.24
CA LEU A 9 1.84 -2.74 2.80
C LEU A 9 0.50 -3.16 2.12
N ILE A 10 0.16 -2.58 0.99
CA ILE A 10 -1.02 -3.08 0.23
C ILE A 10 -0.53 -3.32 -1.21
N VAL A 11 -0.98 -4.43 -1.75
CA VAL A 11 -0.47 -4.95 -3.05
C VAL A 11 -1.50 -5.85 -3.69
N ALA A 12 -1.47 -5.91 -5.03
CA ALA A 12 -2.24 -6.87 -5.79
C ALA A 12 -1.17 -7.62 -6.58
N LEU A 13 -1.20 -8.90 -6.39
CA LEU A 13 -0.17 -9.77 -6.99
C LEU A 13 -0.68 -11.07 -7.54
N THR A 14 -0.05 -11.56 -8.59
CA THR A 14 -0.38 -12.92 -9.05
C THR A 14 0.25 -14.02 -8.14
N THR A 15 -0.13 -15.27 -8.40
CA THR A 15 0.42 -16.45 -7.69
C THR A 15 1.90 -16.73 -7.95
N SER A 16 2.48 -16.07 -8.95
CA SER A 16 3.90 -16.10 -9.19
C SER A 16 4.55 -14.81 -8.74
N TYR A 17 3.85 -14.03 -7.88
CA TYR A 17 4.36 -12.74 -7.33
C TYR A 17 4.54 -11.57 -8.35
N GLY A 18 3.88 -11.69 -9.49
CA GLY A 18 3.88 -10.63 -10.47
C GLY A 18 3.10 -9.43 -10.02
N ILE A 19 3.68 -8.24 -10.13
CA ILE A 19 2.95 -6.95 -9.79
C ILE A 19 2.80 -5.90 -10.87
N GLY A 20 3.63 -5.96 -11.95
CA GLY A 20 3.56 -4.88 -12.89
C GLY A 20 4.15 -5.30 -14.24
N ARG A 21 3.84 -4.49 -15.24
CA ARG A 21 4.33 -4.78 -16.62
C ARG A 21 4.34 -3.44 -17.34
N SER A 22 5.47 -3.13 -17.98
CA SER A 22 5.54 -1.91 -18.86
C SER A 22 5.28 -0.63 -18.05
N ASN A 23 5.78 -0.57 -16.81
CA ASN A 23 5.40 0.46 -15.83
C ASN A 23 3.90 0.76 -15.60
N SER A 24 3.04 -0.25 -15.71
CA SER A 24 1.70 -0.15 -15.15
C SER A 24 1.20 -1.49 -14.64
N LEU A 25 -0.11 -1.61 -14.51
CA LEU A 25 -0.66 -2.85 -13.93
C LEU A 25 -1.09 -3.73 -15.06
N PRO A 26 -0.82 -5.03 -14.98
CA PRO A 26 -1.18 -5.81 -16.18
C PRO A 26 -2.59 -6.39 -16.15
N TRP A 27 -3.51 -5.71 -15.45
CA TRP A 27 -4.88 -6.04 -15.46
C TRP A 27 -5.57 -4.70 -15.29
N LYS A 28 -6.88 -4.70 -15.53
CA LYS A 28 -7.71 -3.52 -15.27
C LYS A 28 -8.95 -4.06 -14.61
N LEU A 29 -8.93 -3.95 -13.28
CA LEU A 29 -9.93 -4.53 -12.38
C LEU A 29 -10.53 -3.36 -11.59
N LYS A 30 -11.62 -2.77 -12.10
CA LYS A 30 -12.28 -1.67 -11.43
C LYS A 30 -12.73 -1.90 -9.95
N LYS A 31 -13.24 -3.07 -9.61
CA LYS A 31 -13.63 -3.40 -8.22
C LYS A 31 -12.33 -3.52 -7.34
N GLU A 32 -11.24 -4.03 -7.91
CA GLU A 32 -9.96 -4.18 -7.17
C GLU A 32 -9.44 -2.75 -6.86
N ILE A 33 -9.42 -1.87 -7.84
CA ILE A 33 -9.01 -0.47 -7.59
C ILE A 33 -9.93 0.17 -6.53
N SER A 34 -11.21 -0.20 -6.56
CA SER A 34 -12.18 0.41 -5.63
C SER A 34 -11.95 -0.09 -4.16
N TYR A 35 -11.57 -1.37 -4.01
CA TYR A 35 -11.05 -1.93 -2.74
C TYR A 35 -9.78 -1.15 -2.30
N PHE A 36 -8.80 -1.00 -3.20
CA PHE A 36 -7.58 -0.20 -2.90
C PHE A 36 -7.92 1.18 -2.38
N LYS A 37 -8.85 1.86 -3.04
CA LYS A 37 -9.15 3.21 -2.65
C LYS A 37 -9.87 3.17 -1.26
N ARG A 38 -10.76 2.22 -1.04
CA ARG A 38 -11.46 2.17 0.22
C ARG A 38 -10.52 1.87 1.41
N VAL A 39 -9.64 0.86 1.25
CA VAL A 39 -8.73 0.49 2.34
C VAL A 39 -7.78 1.68 2.62
N THR A 40 -7.18 2.24 1.59
CA THR A 40 -6.26 3.33 1.83
C THR A 40 -6.87 4.67 2.29
N SER A 41 -8.20 4.82 2.17
CA SER A 41 -8.88 6.12 2.45
C SER A 41 -9.68 5.99 3.73
N PHE A 42 -9.97 4.78 4.18
CA PHE A 42 -10.82 4.60 5.38
C PHE A 42 -10.20 5.11 6.68
N VAL A 43 -10.93 5.98 7.36
CA VAL A 43 -10.57 6.53 8.65
C VAL A 43 -11.85 6.39 9.52
N PRO A 44 -11.75 5.86 10.75
CA PRO A 44 -13.03 5.66 11.47
C PRO A 44 -13.83 6.97 11.59
N THR A 45 -15.16 6.84 11.57
CA THR A 45 -16.07 8.00 11.44
C THR A 45 -15.85 9.08 12.52
N PHE A 46 -15.56 8.63 13.77
CA PHE A 46 -15.21 9.57 14.83
C PHE A 46 -13.99 10.45 14.47
N ASP A 47 -13.06 9.90 13.68
CA ASP A 47 -11.80 10.56 13.32
C ASP A 47 -11.79 11.35 12.00
N SER A 48 -12.77 11.14 11.12
CA SER A 48 -12.68 11.69 9.73
C SER A 48 -13.08 13.16 9.55
N PHE A 49 -12.95 13.92 10.63
CA PHE A 49 -13.04 15.38 10.59
C PHE A 49 -11.68 15.93 10.19
N GLU A 50 -10.63 15.43 10.86
CA GLU A 50 -9.30 15.99 10.71
C GLU A 50 -8.22 14.96 10.31
N SER A 51 -8.53 13.65 10.40
CA SER A 51 -7.57 12.57 10.11
C SER A 51 -7.53 12.14 8.63
N MET A 52 -6.33 11.85 8.15
CA MET A 52 -6.16 11.35 6.78
C MET A 52 -5.16 10.18 6.89
N ASN A 53 -5.27 9.21 6.00
CA ASN A 53 -4.18 8.20 5.80
C ASN A 53 -3.13 8.77 4.84
N VAL A 54 -1.96 8.12 4.83
CA VAL A 54 -0.79 8.45 4.00
C VAL A 54 -0.58 7.26 3.04
N VAL A 55 -0.18 7.58 1.81
CA VAL A 55 0.32 6.60 0.82
C VAL A 55 1.71 6.96 0.51
N LEU A 56 2.63 5.99 0.76
CA LEU A 56 4.00 6.12 0.43
C LEU A 56 4.22 5.29 -0.83
N MET A 57 4.90 5.88 -1.82
CA MET A 57 5.14 5.18 -3.09
C MET A 57 6.50 5.57 -3.70
N GLY A 58 7.07 4.62 -4.45
CA GLY A 58 8.31 4.84 -5.24
C GLY A 58 8.04 5.82 -6.37
N ARG A 59 9.14 6.42 -6.88
CA ARG A 59 9.07 7.36 -7.97
C ARG A 59 8.41 6.71 -9.19
N LYS A 60 8.77 5.46 -9.54
CA LYS A 60 8.18 4.85 -10.79
C LYS A 60 6.66 4.59 -10.65
N THR A 61 6.24 4.19 -9.44
CA THR A 61 4.80 4.11 -9.14
C THR A 61 4.13 5.45 -9.27
N TRP A 62 4.83 6.53 -8.86
CA TRP A 62 4.15 7.85 -8.96
C TRP A 62 3.91 8.17 -10.43
N GLU A 63 4.93 7.89 -11.25
CA GLU A 63 4.85 8.12 -12.70
C GLU A 63 3.82 7.21 -13.39
N SER A 64 3.52 6.04 -12.82
CA SER A 64 2.54 5.10 -13.36
C SER A 64 1.10 5.54 -13.13
N ILE A 65 0.87 6.51 -12.24
CA ILE A 65 -0.49 6.94 -11.97
C ILE A 65 -0.89 7.95 -13.07
N PRO A 66 -2.10 7.78 -13.70
CA PRO A 66 -2.40 8.75 -14.74
C PRO A 66 -2.25 10.15 -14.18
N LEU A 67 -1.64 11.05 -14.95
CA LEU A 67 -1.48 12.46 -14.55
C LEU A 67 -2.69 13.12 -13.86
N GLN A 68 -3.89 12.90 -14.40
CA GLN A 68 -5.10 13.54 -13.92
C GLN A 68 -5.57 12.89 -12.65
N ASN A 69 -4.93 11.78 -12.29
CA ASN A 69 -5.30 11.08 -11.04
C ASN A 69 -4.36 11.27 -9.84
N ARG A 70 -3.27 12.01 -10.04
CA ARG A 70 -2.33 12.17 -8.93
C ARG A 70 -2.17 13.64 -8.55
N PRO A 71 -1.91 13.93 -7.26
CA PRO A 71 -1.76 12.96 -6.16
C PRO A 71 -3.08 12.20 -5.92
N LEU A 72 -2.96 11.01 -5.32
CA LEU A 72 -4.12 10.18 -5.05
C LEU A 72 -5.01 10.88 -4.04
N LYS A 73 -6.29 11.07 -4.44
CA LYS A 73 -7.17 11.99 -3.73
C LYS A 73 -7.59 11.55 -2.35
N GLY A 74 -7.67 12.52 -1.45
CA GLY A 74 -8.15 12.22 -0.09
C GLY A 74 -7.14 11.46 0.78
N ARG A 75 -5.86 11.32 0.33
CA ARG A 75 -4.80 10.75 1.20
C ARG A 75 -3.62 11.63 1.10
N ILE A 76 -2.78 11.61 2.12
CA ILE A 76 -1.50 12.34 2.05
C ILE A 76 -0.48 11.50 1.26
N ASN A 77 0.00 12.00 0.11
CA ASN A 77 0.88 11.21 -0.78
C ASN A 77 2.32 11.61 -0.46
N VAL A 78 3.25 10.66 -0.42
CA VAL A 78 4.69 11.01 -0.34
C VAL A 78 5.37 10.07 -1.37
N VAL A 79 6.20 10.63 -2.24
CA VAL A 79 6.99 9.89 -3.20
C VAL A 79 8.41 9.77 -2.62
N ILE A 80 8.93 8.55 -2.63
CA ILE A 80 10.28 8.20 -2.19
C ILE A 80 11.24 8.20 -3.41
N THR A 81 12.28 9.04 -3.36
CA THR A 81 13.24 9.07 -4.49
C THR A 81 14.60 9.50 -3.94
N ARG A 82 15.70 9.07 -4.53
CA ARG A 82 17.01 9.50 -4.08
C ARG A 82 17.52 10.70 -4.83
N ASN A 83 16.64 11.34 -5.60
CA ASN A 83 17.03 12.50 -6.40
C ASN A 83 16.26 13.75 -6.01
N GLU A 84 16.83 14.54 -5.10
CA GLU A 84 16.19 15.78 -4.66
C GLU A 84 16.64 16.94 -5.53
N SER A 85 16.06 17.03 -6.72
CA SER A 85 15.06 16.11 -7.15
C SER A 85 14.67 16.85 -8.40
N LEU A 86 13.65 16.38 -9.08
CA LEU A 86 13.06 17.25 -10.07
C LEU A 86 11.60 16.97 -9.99
N ASP A 87 11.33 15.73 -9.60
CA ASP A 87 9.96 15.30 -9.50
C ASP A 87 8.99 16.32 -10.10
N LEU A 88 8.06 16.81 -9.30
CA LEU A 88 7.00 17.65 -9.85
C LEU A 88 5.84 17.79 -8.87
N GLY A 89 4.64 17.97 -9.41
CA GLY A 89 3.46 18.13 -8.59
C GLY A 89 3.68 19.54 -8.10
N ASN A 90 2.72 20.35 -7.63
CA ASN A 90 1.54 20.16 -6.76
C ASN A 90 1.71 20.25 -5.22
N GLY A 91 2.90 20.64 -4.80
CA GLY A 91 3.23 20.67 -3.38
C GLY A 91 3.48 19.26 -2.90
N ILE A 92 3.72 18.37 -3.86
CA ILE A 92 3.94 16.96 -3.56
C ILE A 92 5.13 16.74 -2.63
N HIS A 93 4.90 15.96 -1.57
CA HIS A 93 5.93 15.63 -0.62
C HIS A 93 6.80 14.60 -1.26
N SER A 94 8.12 14.72 -1.07
CA SER A 94 9.05 13.68 -1.37
C SER A 94 10.08 13.41 -0.24
N ALA A 95 10.69 12.23 -0.22
CA ALA A 95 11.73 11.97 0.80
C ALA A 95 12.67 10.93 0.28
N LYS A 96 13.88 10.82 0.84
CA LYS A 96 14.87 9.95 0.23
C LYS A 96 14.87 8.56 0.78
N SER A 97 13.98 8.27 1.70
CA SER A 97 13.83 6.96 2.28
C SER A 97 12.50 6.86 3.02
N LEU A 98 12.16 5.61 3.36
CA LEU A 98 10.98 5.35 4.16
C LEU A 98 11.05 6.11 5.53
N ASP A 99 12.21 6.03 6.18
CA ASP A 99 12.37 6.75 7.44
C ASP A 99 12.39 8.28 7.31
N HIS A 100 13.00 8.79 6.23
CA HIS A 100 12.95 10.24 5.95
C HIS A 100 11.53 10.62 5.72
N ALA A 101 10.71 9.76 5.09
CA ALA A 101 9.30 10.10 4.80
C ALA A 101 8.56 10.17 6.12
N LEU A 102 8.86 9.24 7.05
CA LEU A 102 8.18 9.21 8.37
C LEU A 102 8.48 10.44 9.20
N GLU A 103 9.77 10.82 9.25
CA GLU A 103 10.20 12.03 9.94
C GLU A 103 9.45 13.25 9.37
N LEU A 104 9.41 13.30 8.02
CA LEU A 104 8.77 14.42 7.32
C LEU A 104 7.31 14.48 7.75
N LEU A 105 6.69 13.31 7.72
CA LEU A 105 5.25 13.25 8.09
C LEU A 105 4.99 13.65 9.56
N TYR A 106 5.82 13.18 10.48
CA TYR A 106 5.55 13.52 11.90
C TYR A 106 5.84 14.99 12.23
N ARG A 107 6.84 15.55 11.52
CA ARG A 107 7.14 16.98 11.57
C ARG A 107 6.02 17.85 11.00
N THR A 108 5.56 17.52 9.80
CA THR A 108 4.48 18.28 9.10
C THR A 108 3.12 18.13 9.75
N TYR A 109 2.75 16.92 10.15
CA TYR A 109 1.40 16.71 10.63
C TYR A 109 1.46 16.49 12.13
N GLY A 110 2.03 17.49 12.79
CA GLY A 110 2.40 17.42 14.20
C GLY A 110 1.24 17.68 15.12
N SER A 111 1.46 17.41 16.41
CA SER A 111 0.41 17.59 17.40
C SER A 111 0.26 19.09 17.61
N GLU A 112 -0.71 19.62 16.88
CA GLU A 112 -1.08 21.02 16.74
C GLU A 112 -1.64 21.26 15.30
N SER A 113 -0.99 20.66 14.26
CA SER A 113 -1.44 20.70 12.82
C SER A 113 -2.92 20.33 12.71
N SER A 114 -3.61 20.98 11.79
CA SER A 114 -5.05 20.82 11.59
C SER A 114 -5.43 19.45 11.03
N VAL A 115 -4.49 18.85 10.31
CA VAL A 115 -4.67 17.52 9.72
C VAL A 115 -3.80 16.55 10.49
N GLN A 116 -4.37 15.41 10.85
CA GLN A 116 -3.67 14.42 11.66
C GLN A 116 -3.54 13.10 10.86
N ILE A 117 -2.47 12.35 11.10
CA ILE A 117 -2.26 11.09 10.35
C ILE A 117 -3.00 9.93 11.04
N ASN A 118 -3.73 9.15 10.26
CA ASN A 118 -4.36 7.92 10.80
C ASN A 118 -3.45 6.71 10.52
N ARG A 119 -3.57 6.10 9.36
CA ARG A 119 -2.73 4.90 9.07
C ARG A 119 -1.79 5.26 7.92
N ILE A 120 -0.66 4.57 7.78
CA ILE A 120 0.35 4.85 6.73
C ILE A 120 0.46 3.55 5.95
N PHE A 121 0.29 3.68 4.65
CA PHE A 121 0.38 2.57 3.73
C PHE A 121 1.56 2.73 2.83
N VAL A 122 2.29 1.63 2.54
CA VAL A 122 3.16 1.57 1.42
C VAL A 122 2.41 0.92 0.26
N ILE A 123 2.43 1.59 -0.90
CA ILE A 123 1.52 1.16 -2.00
C ILE A 123 2.31 0.72 -3.25
N GLY A 124 3.63 0.54 -3.09
CA GLY A 124 4.49 0.07 -4.19
C GLY A 124 5.56 1.08 -4.66
N GLY A 125 6.44 0.71 -5.62
CA GLY A 125 6.42 -0.59 -6.30
C GLY A 125 7.38 -1.57 -5.69
N ALA A 126 7.91 -2.50 -6.49
CA ALA A 126 8.82 -3.48 -5.92
C ALA A 126 10.00 -2.92 -5.14
N GLN A 127 10.62 -1.86 -5.57
N GLN A 127 10.64 -1.86 -5.55
CA GLN A 127 11.79 -1.44 -4.86
CA GLN A 127 11.81 -1.44 -4.81
C GLN A 127 11.41 -0.91 -3.48
C GLN A 127 11.39 -0.93 -3.45
N LEU A 128 10.37 -0.10 -3.45
CA LEU A 128 9.89 0.37 -2.16
C LEU A 128 9.31 -0.74 -1.28
N TYR A 129 8.70 -1.73 -1.90
CA TYR A 129 8.12 -2.83 -1.14
C TYR A 129 9.29 -3.60 -0.51
N LYS A 130 10.44 -3.62 -1.21
CA LYS A 130 11.63 -4.33 -0.64
C LYS A 130 12.10 -3.69 0.64
N ALA A 131 12.23 -2.36 0.63
CA ALA A 131 12.57 -1.54 1.79
C ALA A 131 11.50 -1.73 2.90
N ALA A 132 10.20 -1.73 2.56
CA ALA A 132 9.13 -1.88 3.58
C ALA A 132 9.24 -3.26 4.25
N MET A 133 9.54 -4.29 3.49
CA MET A 133 9.63 -5.62 4.05
C MET A 133 10.81 -5.71 5.04
N ASP A 134 11.87 -4.96 4.80
CA ASP A 134 13.03 -4.92 5.76
C ASP A 134 12.77 -4.00 6.98
N HIS A 135 11.73 -3.18 6.91
CA HIS A 135 11.49 -2.19 7.98
C HIS A 135 10.87 -2.84 9.23
N PRO A 136 11.47 -2.58 10.41
CA PRO A 136 10.97 -3.20 11.63
C PRO A 136 9.55 -2.83 12.04
N LYS A 137 8.96 -1.76 11.46
CA LYS A 137 7.63 -1.28 11.80
C LYS A 137 6.58 -1.86 10.87
N LEU A 138 6.97 -2.51 9.78
CA LEU A 138 5.97 -3.11 8.90
C LEU A 138 5.43 -4.39 9.55
N ASP A 139 4.11 -4.50 9.73
CA ASP A 139 3.56 -5.72 10.35
C ASP A 139 2.29 -6.25 9.66
N ARG A 140 1.95 -5.74 8.49
CA ARG A 140 0.67 -6.14 7.93
C ARG A 140 0.77 -5.98 6.43
N ILE A 141 0.29 -6.98 5.71
CA ILE A 141 0.15 -6.95 4.24
C ILE A 141 -1.31 -7.15 3.83
N MET A 142 -1.89 -6.17 3.12
CA MET A 142 -3.25 -6.36 2.52
C MET A 142 -2.96 -6.79 1.07
N ALA A 143 -3.14 -8.08 0.78
CA ALA A 143 -2.79 -8.70 -0.52
C ALA A 143 -4.05 -9.04 -1.28
N THR A 144 -4.05 -8.70 -2.54
CA THR A 144 -5.11 -9.25 -3.44
C THR A 144 -4.41 -10.30 -4.27
N ILE A 145 -4.82 -11.56 -4.13
CA ILE A 145 -4.14 -12.68 -4.81
C ILE A 145 -4.90 -12.86 -6.09
N ILE A 146 -4.15 -12.83 -7.19
CA ILE A 146 -4.71 -12.94 -8.57
C ILE A 146 -4.31 -14.28 -9.13
N TYR A 147 -5.31 -15.11 -9.38
CA TYR A 147 -5.12 -16.53 -9.63
C TYR A 147 -4.93 -16.71 -11.14
N LYS A 148 -3.84 -16.12 -11.63
CA LYS A 148 -3.52 -16.26 -13.04
C LYS A 148 -2.08 -15.82 -13.18
N ASP A 149 -1.27 -16.63 -13.84
CA ASP A 149 0.12 -16.26 -14.05
C ASP A 149 0.23 -15.28 -15.26
N ILE A 150 -0.39 -14.11 -15.14
CA ILE A 150 -0.31 -13.00 -16.10
C ILE A 150 1.18 -12.61 -16.36
N HIS A 151 1.59 -12.41 -17.62
CA HIS A 151 2.98 -11.99 -17.82
C HIS A 151 3.31 -10.68 -17.17
N CYS A 152 4.34 -10.66 -16.30
CA CYS A 152 4.75 -9.44 -15.65
C CYS A 152 6.26 -9.22 -15.85
N ASP A 153 6.72 -7.99 -15.67
CA ASP A 153 8.18 -7.74 -15.64
C ASP A 153 8.71 -7.18 -14.33
N VAL A 154 7.84 -7.00 -13.34
CA VAL A 154 8.30 -6.56 -12.05
C VAL A 154 7.54 -7.43 -11.04
N PHE A 155 8.29 -7.89 -10.04
CA PHE A 155 7.82 -8.93 -9.06
C PHE A 155 7.86 -8.43 -7.60
N PHE A 156 6.95 -8.94 -6.76
CA PHE A 156 7.05 -8.62 -5.36
C PHE A 156 8.33 -9.31 -4.78
N PRO A 157 9.10 -8.55 -3.95
CA PRO A 157 10.48 -9.03 -3.63
C PRO A 157 10.66 -10.11 -2.62
N LEU A 158 9.60 -10.47 -1.88
CA LEU A 158 9.74 -11.45 -0.80
C LEU A 158 8.50 -12.41 -0.84
N LYS A 159 8.75 -13.74 -0.85
CA LYS A 159 7.70 -14.76 -1.17
C LYS A 159 6.98 -15.06 0.15
N PHE A 160 6.26 -14.04 0.62
CA PHE A 160 5.68 -14.09 1.99
C PHE A 160 4.51 -15.10 2.12
N ARG A 161 3.93 -15.57 1.01
CA ARG A 161 2.90 -16.57 1.10
C ARG A 161 3.50 -17.99 1.01
N ASP A 162 4.83 -18.11 0.84
CA ASP A 162 5.48 -19.43 0.63
C ASP A 162 5.88 -20.06 1.97
N LYS A 163 6.06 -21.38 1.90
CA LYS A 163 6.45 -22.19 3.07
C LYS A 163 7.62 -21.58 3.87
N GLU A 164 8.69 -21.14 3.19
CA GLU A 164 9.92 -20.64 3.86
C GLU A 164 9.62 -19.43 4.81
N TRP A 165 8.58 -18.64 4.50
CA TRP A 165 8.19 -17.49 5.32
C TRP A 165 7.00 -17.66 6.27
N SER A 166 6.46 -18.87 6.33
CA SER A 166 5.16 -19.11 6.98
C SER A 166 5.28 -19.13 8.53
N SER A 167 6.49 -19.08 9.12
CA SER A 167 6.56 -18.93 10.60
C SER A 167 6.52 -17.46 10.93
N VAL A 168 6.91 -16.61 9.95
CA VAL A 168 6.90 -15.16 10.16
C VAL A 168 5.59 -14.53 9.72
N TRP A 169 5.13 -14.89 8.54
CA TRP A 169 3.92 -14.25 7.97
C TRP A 169 2.77 -15.21 8.07
N LYS A 170 1.65 -14.72 8.66
CA LYS A 170 0.44 -15.51 8.88
C LYS A 170 -0.76 -14.92 8.24
N LYS A 171 -1.56 -15.76 7.60
CA LYS A 171 -2.80 -15.23 7.01
C LYS A 171 -3.92 -15.15 8.06
N GLU A 172 -4.60 -14.01 8.14
CA GLU A 172 -5.69 -13.73 9.14
C GLU A 172 -7.06 -14.19 8.66
N LYS A 173 -7.99 -14.42 9.61
CA LYS A 173 -9.34 -14.81 9.29
C LYS A 173 -10.05 -13.68 8.57
N HIS A 174 -10.99 -14.00 7.67
CA HIS A 174 -11.63 -12.95 6.92
C HIS A 174 -12.39 -11.95 7.79
N SER A 175 -13.01 -12.45 8.88
CA SER A 175 -13.64 -11.52 9.83
C SER A 175 -12.65 -10.51 10.40
N ASP A 176 -11.42 -10.95 10.67
CA ASP A 176 -10.38 -9.98 11.09
C ASP A 176 -9.96 -8.97 10.01
N LEU A 177 -9.88 -9.40 8.75
CA LEU A 177 -9.70 -8.47 7.64
C LEU A 177 -10.82 -7.41 7.61
N GLU A 178 -12.08 -7.84 7.62
CA GLU A 178 -13.24 -6.91 7.70
C GLU A 178 -13.15 -6.00 8.91
N SER A 179 -12.77 -6.51 10.07
CA SER A 179 -12.71 -5.67 11.26
C SER A 179 -11.58 -4.61 11.12
N TRP A 180 -10.52 -4.94 10.39
CA TRP A 180 -9.42 -3.99 10.28
C TRP A 180 -9.77 -2.93 9.24
N VAL A 181 -10.35 -3.37 8.15
CA VAL A 181 -10.75 -2.54 7.04
C VAL A 181 -12.02 -1.74 7.37
N GLY A 182 -12.70 -2.12 8.45
CA GLY A 182 -13.94 -1.45 8.89
C GLY A 182 -15.18 -1.55 8.01
N THR A 183 -15.24 -2.51 7.09
CA THR A 183 -16.42 -2.74 6.27
C THR A 183 -16.52 -4.20 5.88
N LYS A 184 -17.70 -4.57 5.37
CA LYS A 184 -17.90 -5.86 4.75
C LYS A 184 -17.01 -5.91 3.53
N VAL A 185 -16.34 -7.04 3.35
CA VAL A 185 -15.38 -7.22 2.25
C VAL A 185 -15.78 -8.55 1.62
N PRO A 186 -15.85 -8.55 0.27
CA PRO A 186 -16.17 -9.80 -0.41
C PRO A 186 -15.25 -10.92 0.13
N HIS A 187 -15.80 -12.12 0.28
CA HIS A 187 -15.07 -13.25 0.84
C HIS A 187 -14.95 -14.35 -0.16
N GLY A 188 -13.72 -14.68 -0.51
CA GLY A 188 -13.45 -15.64 -1.57
C GLY A 188 -13.38 -14.99 -2.94
N LYS A 189 -13.41 -15.85 -3.96
CA LYS A 189 -13.10 -15.46 -5.34
C LYS A 189 -14.12 -14.50 -6.01
N ILE A 190 -13.59 -13.45 -6.61
CA ILE A 190 -14.34 -12.45 -7.42
C ILE A 190 -13.83 -12.63 -8.84
N ASN A 191 -14.74 -12.61 -9.81
CA ASN A 191 -14.32 -12.73 -11.18
C ASN A 191 -14.62 -11.41 -11.94
N GLU A 192 -13.61 -10.89 -12.60
CA GLU A 192 -13.67 -9.63 -13.33
C GLU A 192 -12.59 -9.82 -14.40
N ASP A 193 -12.96 -9.51 -15.64
CA ASP A 193 -12.08 -9.72 -16.79
C ASP A 193 -11.68 -11.19 -16.96
N GLY A 194 -12.56 -12.11 -16.57
CA GLY A 194 -12.29 -13.51 -16.76
C GLY A 194 -11.09 -14.08 -16.00
N PHE A 195 -10.73 -13.46 -14.87
CA PHE A 195 -9.93 -14.19 -13.88
C PHE A 195 -10.34 -13.91 -12.43
N ASP A 196 -9.98 -14.87 -11.58
CA ASP A 196 -10.45 -14.90 -10.20
C ASP A 196 -9.41 -14.19 -9.34
N TYR A 197 -9.85 -13.41 -8.37
CA TYR A 197 -8.89 -12.89 -7.37
C TYR A 197 -9.63 -12.87 -6.02
N GLU A 198 -8.89 -12.70 -4.93
CA GLU A 198 -9.53 -12.64 -3.64
C GLU A 198 -8.69 -11.81 -2.65
N PHE A 199 -9.35 -11.26 -1.64
CA PHE A 199 -8.69 -10.35 -0.70
C PHE A 199 -8.15 -11.10 0.53
N GLU A 200 -6.90 -10.80 0.89
CA GLU A 200 -6.30 -11.48 2.04
C GLU A 200 -5.61 -10.46 2.91
N MET A 201 -5.41 -10.87 4.18
CA MET A 201 -4.66 -10.02 5.09
C MET A 201 -3.67 -10.88 5.85
N TRP A 202 -2.40 -10.44 5.90
CA TRP A 202 -1.30 -11.26 6.53
C TRP A 202 -0.62 -10.38 7.50
N THR A 203 -0.18 -10.95 8.62
CA THR A 203 0.53 -10.15 9.59
C THR A 203 1.81 -10.84 10.04
N ARG A 204 2.71 -10.03 10.65
CA ARG A 204 4.04 -10.42 11.11
C ARG A 204 4.10 -9.82 12.52
N ASP A 205 4.45 -10.58 13.58
CA ASP A 205 4.61 -9.92 14.90
C ASP A 205 5.79 -8.93 14.85
N LEU A 206 5.66 -7.78 15.52
CA LEU A 206 6.74 -6.77 15.60
C LEU A 206 7.84 -7.33 16.53
PA NDP B . 9.05 1.82 -7.59
O1A NDP B . 9.54 1.03 -6.40
O2A NDP B . 7.77 2.51 -7.69
O5B NDP B . 10.12 3.06 -7.99
C5B NDP B . 11.51 2.79 -7.73
C4B NDP B . 12.16 4.12 -7.61
O4B NDP B . 11.60 4.82 -6.43
C3B NDP B . 13.70 4.01 -7.42
O3B NDP B . 14.33 4.20 -8.72
C2B NDP B . 13.92 5.21 -6.54
O2B NDP B . 13.68 6.42 -7.17
C1B NDP B . 12.72 5.13 -5.55
N9A NDP B . 12.86 4.20 -4.43
C8A NDP B . 12.24 3.02 -4.25
N7A NDP B . 12.61 2.45 -3.11
C5A NDP B . 13.45 3.34 -2.51
C6A NDP B . 14.15 3.36 -1.30
N6A NDP B . 14.06 2.38 -0.39
N1A NDP B . 14.92 4.43 -1.05
C2A NDP B . 15.06 5.47 -1.89
N3A NDP B . 14.42 5.50 -3.05
C4A NDP B . 13.63 4.44 -3.37
O3 NDP B . 9.34 1.02 -8.93
PN NDP B . 9.38 -0.42 -9.37
O1N NDP B . 10.05 -1.36 -8.41
O2N NDP B . 9.89 -0.47 -10.83
O5D NDP B . 7.92 -0.87 -9.49
C5D NDP B . 6.91 -0.10 -10.29
C4D NDP B . 6.06 -1.11 -11.07
O4D NDP B . 5.26 -1.65 -9.98
C3D NDP B . 5.06 -0.60 -12.11
O3D NDP B . 4.75 -1.67 -13.03
C2D NDP B . 3.81 -0.38 -11.30
O2D NDP B . 2.62 -0.48 -12.11
C1D NDP B . 3.83 -1.57 -10.37
N1N NDP B . 2.99 -1.44 -9.13
C2N NDP B . 2.12 -2.53 -8.87
C3N NDP B . 1.35 -2.54 -7.72
C7N NDP B . 0.33 -3.72 -7.49
O7N NDP B . 0.08 -4.61 -8.37
N7N NDP B . -0.19 -3.66 -6.30
C4N NDP B . 1.38 -1.40 -6.88
C5N NDP B . 2.29 -0.35 -7.15
C6N NDP B . 3.10 -0.37 -8.27
P2B NDP B . 14.85 7.39 -7.97
O1X NDP B . 15.24 6.48 -9.14
O2X NDP B . 14.09 8.64 -8.31
O3X NDP B . 16.12 7.49 -6.94
CAA IXF C . -6.23 6.56 -9.57
CAV IXF C . -5.81 5.43 -10.56
CAB IXF C . -7.03 4.63 -11.06
CAQ IXF C . -4.75 4.47 -9.93
CAG IXF C . -3.70 4.00 -10.71
CAI IXF C . -2.72 3.13 -10.17
CAF IXF C . -4.82 4.03 -8.59
CAH IXF C . -3.85 3.17 -8.08
CAR IXF C . -2.80 2.68 -8.85
NAW IXF C . -1.88 1.77 -8.28
CAC IXF C . -0.48 2.10 -8.09
CAS IXF C . -2.41 0.69 -7.63
CAK IXF C . -1.79 0.21 -6.42
C5 IXF C . -2.39 -0.87 -5.78
C6 IXF C . -1.88 -1.44 -4.55
NAE IXF C . -0.78 -0.94 -3.92
N1 IXF C . -2.57 -2.43 -4.02
C2 IXF C . -3.70 -2.96 -4.55
NAD IXF C . -4.41 -3.99 -4.00
N3 IXF C . -4.16 -2.47 -5.72
C4 IXF C . -3.57 -1.42 -6.33
NAL IXF C . -4.16 -0.98 -7.50
CAJ IXF C . -3.57 0.06 -8.10
#